data_3I86
#
_entry.id   3I86
#
_cell.length_a   97.107
_cell.length_b   97.107
_cell.length_c   97.107
_cell.angle_alpha   90.00
_cell.angle_beta   90.00
_cell.angle_gamma   90.00
#
_symmetry.space_group_name_H-M   'P 21 3'
#
loop_
_entity.id
_entity.type
_entity.pdbx_description
1 polymer 'Putative uncharacterized protein'
2 non-polymer 'ISOPROPYL ALCOHOL'
3 water water
#
_entity_poly.entity_id   1
_entity_poly.type   'polypeptide(L)'
_entity_poly.pdbx_seq_one_letter_code
;GSTGSVYGRQAIEYVIKRMGSQMGVPYSWGGGSLDGPSKGVGDGANITGFDCSGLMRYGFAGVGVLIPRFSGDQYNAGRH
IPQDQARRGDLIFYGPGGSQHVTMYLGNGQMLEASGSAGKVTVSPVRKPGMTPFLTRIIEY
;
_entity_poly.pdbx_strand_id   A,B
#
loop_
_chem_comp.id
_chem_comp.type
_chem_comp.name
_chem_comp.formula
IPA non-polymer 'ISOPROPYL ALCOHOL' 'C3 H8 O'
#
# COMPACT_ATOMS: atom_id res chain seq x y z
N VAL A 6 35.31 -13.40 -1.34
CA VAL A 6 34.56 -13.53 -2.58
C VAL A 6 34.08 -12.20 -3.12
N TYR A 7 33.70 -12.25 -4.39
CA TYR A 7 33.16 -11.11 -5.09
C TYR A 7 31.72 -10.95 -4.68
N GLY A 8 31.12 -12.05 -4.24
CA GLY A 8 29.73 -12.05 -3.81
C GLY A 8 29.56 -11.29 -2.52
N ARG A 9 30.51 -11.47 -1.61
CA ARG A 9 30.48 -10.81 -0.32
C ARG A 9 30.68 -9.32 -0.49
N GLN A 10 31.56 -8.97 -1.42
CA GLN A 10 31.88 -7.56 -1.68
C GLN A 10 30.74 -6.85 -2.40
N ALA A 11 30.06 -7.56 -3.29
CA ALA A 11 28.93 -6.99 -4.02
C ALA A 11 27.80 -6.61 -3.04
N ILE A 12 27.55 -7.49 -2.07
CA ILE A 12 26.53 -7.25 -1.07
C ILE A 12 26.84 -6.04 -0.21
N GLU A 13 28.09 -5.91 0.22
CA GLU A 13 28.47 -4.74 1.00
C GLU A 13 28.22 -3.51 0.16
N TYR A 14 28.70 -3.56 -1.07
CA TYR A 14 28.46 -2.48 -2.01
C TYR A 14 26.98 -2.15 -2.13
N VAL A 15 26.12 -3.15 -2.40
CA VAL A 15 24.68 -2.93 -2.49
C VAL A 15 24.14 -2.23 -1.24
N ILE A 16 24.42 -2.79 -0.08
CA ILE A 16 23.99 -2.21 1.19
C ILE A 16 24.45 -0.77 1.37
N LYS A 17 25.71 -0.51 1.04
CA LYS A 17 26.31 0.82 1.17
C LYS A 17 25.63 1.83 0.24
N ARG A 18 25.30 1.37 -0.96
CA ARG A 18 24.62 2.16 -1.96
C ARG A 18 23.22 2.54 -1.50
N MET A 19 22.51 1.56 -0.94
CA MET A 19 21.18 1.82 -0.40
C MET A 19 21.33 2.80 0.75
N GLY A 20 22.25 2.51 1.66
CA GLY A 20 22.64 3.40 2.75
C GLY A 20 22.93 4.85 2.37
N SER A 21 23.37 5.10 1.14
CA SER A 21 23.65 6.46 0.70
C SER A 21 22.36 7.26 0.44
N GLN A 22 21.21 6.57 0.45
CA GLN A 22 19.92 7.25 0.29
C GLN A 22 19.23 7.47 1.62
N MET A 23 19.97 7.29 2.70
CA MET A 23 19.42 7.49 4.03
C MET A 23 18.63 8.79 4.08
N GLY A 24 17.37 8.73 4.48
CA GLY A 24 16.62 9.95 4.69
C GLY A 24 15.81 10.40 3.51
N VAL A 25 16.13 9.86 2.33
CA VAL A 25 15.32 10.08 1.14
C VAL A 25 13.89 9.69 1.50
N PRO A 26 12.92 10.54 1.16
CA PRO A 26 11.55 10.27 1.65
C PRO A 26 10.93 9.03 0.99
N TYR A 27 9.97 8.44 1.69
CA TYR A 27 9.18 7.37 1.13
C TYR A 27 8.23 7.90 0.07
N SER A 28 8.22 7.24 -1.08
CA SER A 28 7.31 7.57 -2.17
C SER A 28 6.74 6.32 -2.84
N TRP A 29 5.42 6.14 -2.67
CA TRP A 29 4.72 5.02 -3.30
C TRP A 29 4.90 5.05 -4.80
N GLY A 30 5.40 3.96 -5.38
CA GLY A 30 5.67 3.90 -6.79
C GLY A 30 6.99 4.55 -7.19
N GLY A 31 7.72 5.08 -6.21
CA GLY A 31 8.94 5.82 -6.48
C GLY A 31 10.22 5.01 -6.50
N GLY A 32 11.18 5.45 -7.30
CA GLY A 32 12.45 4.75 -7.47
C GLY A 32 12.81 4.43 -8.92
N SER A 33 14.08 4.59 -9.26
CA SER A 33 14.58 4.14 -10.55
C SER A 33 15.79 3.26 -10.31
N LEU A 34 16.47 2.89 -11.38
CA LEU A 34 17.73 2.17 -11.27
C LEU A 34 18.88 3.08 -10.81
N ASP A 35 18.74 4.39 -11.02
CA ASP A 35 19.83 5.33 -10.68
C ASP A 35 19.56 6.20 -9.46
N GLY A 36 18.35 6.14 -8.91
CA GLY A 36 18.07 6.91 -7.73
C GLY A 36 16.60 7.10 -7.47
N PRO A 37 16.25 8.00 -6.54
CA PRO A 37 14.85 8.28 -6.27
C PRO A 37 14.19 8.88 -7.51
N SER A 38 12.90 8.66 -7.65
CA SER A 38 12.10 9.25 -8.73
C SER A 38 10.73 9.53 -8.15
N LYS A 39 9.97 10.37 -8.82
CA LYS A 39 8.59 10.59 -8.44
C LYS A 39 7.84 9.27 -8.46
N GLY A 40 7.05 9.02 -7.42
CA GLY A 40 6.17 7.86 -7.41
C GLY A 40 4.87 8.19 -8.12
N VAL A 41 3.81 7.48 -7.74
CA VAL A 41 2.51 7.66 -8.35
C VAL A 41 1.48 7.63 -7.23
N GLY A 42 0.25 8.03 -7.49
CA GLY A 42 -0.69 8.18 -6.38
C GLY A 42 -0.20 9.28 -5.45
N ASP A 43 -0.24 9.05 -4.14
CA ASP A 43 0.23 10.09 -3.23
C ASP A 43 1.74 10.33 -3.35
N GLY A 44 2.43 9.40 -4.03
CA GLY A 44 3.86 9.55 -4.31
C GLY A 44 4.16 10.49 -5.47
N ALA A 45 3.10 10.99 -6.11
CA ALA A 45 3.25 11.81 -7.30
C ALA A 45 4.06 13.09 -7.05
N ASN A 46 4.08 13.53 -5.80
CA ASN A 46 4.77 14.77 -5.46
C ASN A 46 6.10 14.57 -4.76
N ILE A 47 6.41 13.31 -4.46
CA ILE A 47 7.64 13.00 -3.72
C ILE A 47 8.70 12.25 -4.54
N THR A 48 9.89 12.86 -4.66
CA THR A 48 11.00 12.23 -5.35
C THR A 48 11.71 11.32 -4.36
N GLY A 49 11.34 10.04 -4.33
CA GLY A 49 11.92 9.11 -3.40
C GLY A 49 11.91 7.66 -3.77
N PHE A 50 11.58 6.81 -2.80
CA PHE A 50 11.68 5.37 -2.96
C PHE A 50 10.51 4.73 -2.23
N ASP A 51 9.91 3.70 -2.81
CA ASP A 51 9.14 2.80 -1.97
C ASP A 51 10.03 1.62 -1.61
N CYS A 52 9.51 0.65 -0.88
CA CYS A 52 10.37 -0.39 -0.35
C CYS A 52 11.06 -1.16 -1.46
N SER A 53 10.26 -1.73 -2.36
CA SER A 53 10.81 -2.53 -3.44
C SER A 53 11.72 -1.69 -4.35
N GLY A 54 11.38 -0.41 -4.52
CA GLY A 54 12.15 0.52 -5.32
C GLY A 54 13.57 0.71 -4.82
N LEU A 55 13.74 0.78 -3.51
CA LEU A 55 15.08 0.94 -2.90
C LEU A 55 15.92 -0.31 -3.15
N MET A 56 15.35 -1.45 -2.82
CA MET A 56 15.96 -2.75 -3.06
C MET A 56 16.46 -2.85 -4.49
N ARG A 57 15.61 -2.47 -5.44
CA ARG A 57 15.98 -2.60 -6.84
C ARG A 57 17.14 -1.73 -7.16
N TYR A 58 17.06 -0.48 -6.72
CA TYR A 58 18.12 0.49 -6.96
C TYR A 58 19.45 0.02 -6.39
N GLY A 59 19.42 -0.51 -5.17
CA GLY A 59 20.62 -1.05 -4.57
C GLY A 59 21.31 -2.11 -5.41
N PHE A 60 20.56 -3.13 -5.83
CA PHE A 60 21.12 -4.23 -6.62
C PHE A 60 21.56 -3.80 -8.02
N ALA A 61 20.90 -2.80 -8.57
CA ALA A 61 21.28 -2.27 -9.88
C ALA A 61 22.74 -1.81 -9.83
N GLY A 62 23.18 -1.38 -8.65
CA GLY A 62 24.52 -0.89 -8.44
C GLY A 62 25.61 -1.91 -8.68
N VAL A 63 25.27 -3.20 -8.60
CA VAL A 63 26.22 -4.26 -8.94
C VAL A 63 25.76 -5.01 -10.17
N GLY A 64 24.82 -4.40 -10.90
CA GLY A 64 24.44 -4.89 -12.20
C GLY A 64 23.36 -5.96 -12.25
N VAL A 65 22.78 -6.28 -11.10
CA VAL A 65 21.73 -7.27 -11.04
C VAL A 65 20.41 -6.53 -11.09
N LEU A 66 19.57 -6.89 -12.04
CA LEU A 66 18.25 -6.30 -12.18
C LEU A 66 17.18 -7.22 -11.57
N ILE A 67 16.52 -6.74 -10.52
CA ILE A 67 15.49 -7.53 -9.86
C ILE A 67 14.15 -6.88 -10.17
N PRO A 68 13.05 -7.62 -10.00
CA PRO A 68 11.75 -7.11 -10.42
C PRO A 68 11.30 -5.84 -9.68
N ARG A 69 10.28 -5.18 -10.22
CA ARG A 69 9.75 -3.95 -9.62
C ARG A 69 8.96 -4.20 -8.34
N PHE A 70 8.23 -5.29 -8.35
CA PHE A 70 7.23 -5.60 -7.33
C PHE A 70 7.83 -6.53 -6.27
N SER A 71 7.65 -6.20 -5.00
CA SER A 71 8.21 -6.99 -3.91
C SER A 71 7.77 -8.45 -4.01
N GLY A 72 6.56 -8.69 -4.50
CA GLY A 72 6.03 -10.04 -4.63
C GLY A 72 6.82 -10.86 -5.64
N ASP A 73 7.28 -10.20 -6.70
CA ASP A 73 8.14 -10.86 -7.67
C ASP A 73 9.60 -10.87 -7.23
N GLN A 74 10.01 -9.86 -6.46
CA GLN A 74 11.33 -9.86 -5.84
C GLN A 74 11.45 -11.06 -4.92
N TYR A 75 10.35 -11.41 -4.29
CA TYR A 75 10.30 -12.57 -3.39
C TYR A 75 10.78 -13.85 -4.07
N ASN A 76 10.45 -14.01 -5.34
CA ASN A 76 10.81 -15.20 -6.09
C ASN A 76 12.04 -15.03 -6.98
N ALA A 77 12.80 -13.96 -6.76
CA ALA A 77 13.92 -13.61 -7.65
C ALA A 77 15.27 -14.20 -7.24
N GLY A 78 15.28 -15.00 -6.19
CA GLY A 78 16.48 -15.68 -5.75
C GLY A 78 16.07 -16.89 -4.94
N ARG A 79 16.98 -17.41 -4.15
CA ARG A 79 16.70 -18.63 -3.40
C ARG A 79 16.05 -18.29 -2.06
N HIS A 80 15.05 -19.08 -1.69
CA HIS A 80 14.38 -18.92 -0.40
C HIS A 80 15.23 -19.48 0.73
N ILE A 81 15.42 -18.66 1.76
CA ILE A 81 16.23 -18.99 2.90
C ILE A 81 15.34 -19.06 4.14
N PRO A 82 15.50 -20.11 4.94
CA PRO A 82 14.84 -20.22 6.26
C PRO A 82 15.27 -19.11 7.22
N GLN A 83 14.33 -18.60 8.03
CA GLN A 83 14.65 -17.57 9.04
C GLN A 83 15.95 -17.78 9.83
N ASP A 84 16.24 -19.02 10.20
CA ASP A 84 17.39 -19.34 11.05
C ASP A 84 18.72 -19.43 10.29
N GLN A 85 18.65 -19.17 8.98
CA GLN A 85 19.85 -19.12 8.15
C GLN A 85 19.96 -17.72 7.56
N ALA A 86 19.14 -16.83 8.09
CA ALA A 86 19.12 -15.44 7.65
C ALA A 86 20.51 -14.82 7.70
N ARG A 87 20.82 -14.01 6.70
CA ARG A 87 22.17 -13.53 6.46
C ARG A 87 22.16 -12.07 6.02
N ARG A 88 23.08 -11.27 6.54
CA ARG A 88 23.32 -9.94 5.97
C ARG A 88 23.27 -10.04 4.44
N GLY A 89 22.47 -9.18 3.81
CA GLY A 89 22.30 -9.21 2.38
C GLY A 89 21.03 -9.92 1.92
N ASP A 90 20.48 -10.78 2.78
CA ASP A 90 19.20 -11.42 2.52
C ASP A 90 18.01 -10.42 2.53
N LEU A 91 17.08 -10.56 1.58
CA LEU A 91 15.89 -9.72 1.56
C LEU A 91 14.85 -10.25 2.54
N ILE A 92 14.17 -9.35 3.25
CA ILE A 92 13.12 -9.72 4.21
C ILE A 92 11.76 -9.31 3.67
N PHE A 93 10.80 -10.22 3.73
CA PHE A 93 9.50 -9.90 3.19
C PHE A 93 8.38 -9.86 4.22
N TYR A 94 7.33 -9.10 3.91
CA TYR A 94 6.14 -9.02 4.75
C TYR A 94 4.87 -9.15 3.88
N GLY A 95 3.82 -9.75 4.45
CA GLY A 95 2.60 -10.07 3.70
C GLY A 95 2.71 -11.34 2.85
N PRO A 96 1.55 -11.92 2.49
CA PRO A 96 1.50 -13.18 1.72
C PRO A 96 2.33 -13.13 0.45
N GLY A 97 3.27 -14.07 0.32
CA GLY A 97 4.21 -14.07 -0.79
C GLY A 97 5.00 -12.78 -0.93
N GLY A 98 5.10 -12.03 0.17
CA GLY A 98 5.90 -10.82 0.21
C GLY A 98 5.28 -9.63 -0.50
N SER A 99 3.95 -9.65 -0.62
CA SER A 99 3.23 -8.65 -1.37
C SER A 99 3.14 -7.27 -0.70
N GLN A 100 3.49 -7.21 0.59
CA GLN A 100 3.33 -5.95 1.32
C GLN A 100 4.60 -5.10 1.52
N HIS A 101 5.68 -5.73 2.00
CA HIS A 101 6.90 -4.99 2.33
C HIS A 101 8.09 -5.82 1.96
N VAL A 102 9.19 -5.13 1.66
CA VAL A 102 10.48 -5.78 1.49
C VAL A 102 11.55 -4.88 2.07
N THR A 103 12.49 -5.49 2.80
CA THR A 103 13.58 -4.75 3.43
C THR A 103 14.86 -5.55 3.32
N MET A 104 15.99 -4.88 3.53
CA MET A 104 17.30 -5.52 3.44
C MET A 104 17.84 -5.88 4.82
N TYR A 105 18.14 -7.16 5.03
CA TYR A 105 18.73 -7.61 6.29
C TYR A 105 20.20 -7.21 6.46
N LEU A 106 20.48 -6.44 7.50
CA LEU A 106 21.82 -5.92 7.76
C LEU A 106 22.59 -6.89 8.64
N GLY A 107 21.93 -7.94 9.09
CA GLY A 107 22.50 -8.80 10.12
C GLY A 107 22.17 -8.15 11.45
N ASN A 108 22.33 -8.88 12.55
CA ASN A 108 22.19 -8.26 13.86
C ASN A 108 20.81 -7.72 14.20
N GLY A 109 19.77 -8.28 13.60
CA GLY A 109 18.42 -7.82 13.93
C GLY A 109 18.14 -6.38 13.52
N GLN A 110 18.79 -5.94 12.46
CA GLN A 110 18.58 -4.63 11.88
C GLN A 110 18.27 -4.83 10.43
N MET A 111 17.40 -3.98 9.89
CA MET A 111 17.11 -3.96 8.47
C MET A 111 17.13 -2.55 7.90
N LEU A 112 17.28 -2.47 6.58
CA LEU A 112 17.21 -1.20 5.88
C LEU A 112 15.96 -1.18 5.03
N GLU A 113 15.17 -0.13 5.16
CA GLU A 113 13.87 -0.07 4.51
C GLU A 113 13.51 1.36 4.14
N ALA A 114 12.69 1.50 3.10
CA ALA A 114 12.26 2.81 2.65
C ALA A 114 11.21 3.43 3.57
N SER A 115 10.24 2.65 4.02
CA SER A 115 9.19 3.25 4.85
C SER A 115 9.36 3.01 6.35
N GLY A 116 10.20 3.84 6.97
CA GLY A 116 10.29 3.88 8.42
C GLY A 116 9.57 5.12 8.95
N SER A 117 9.27 5.13 10.24
CA SER A 117 8.66 6.30 10.85
C SER A 117 9.35 7.56 10.34
N ALA A 118 8.55 8.56 9.96
CA ALA A 118 9.03 9.73 9.25
C ALA A 118 9.15 9.44 7.76
N GLY A 119 8.56 8.34 7.33
CA GLY A 119 8.49 7.98 5.92
C GLY A 119 9.75 8.31 5.13
N LYS A 120 10.86 7.72 5.57
CA LYS A 120 12.16 7.97 4.97
C LYS A 120 12.94 6.70 4.98
N VAL A 121 13.92 6.60 4.08
CA VAL A 121 14.84 5.48 4.10
C VAL A 121 15.54 5.49 5.45
N THR A 122 15.55 4.36 6.14
CA THR A 122 16.17 4.33 7.45
C THR A 122 16.58 2.93 7.91
N VAL A 123 17.12 2.85 9.12
CA VAL A 123 17.54 1.58 9.71
C VAL A 123 16.63 1.19 10.88
N SER A 124 15.99 0.02 10.81
CA SER A 124 15.11 -0.40 11.88
C SER A 124 15.42 -1.79 12.42
N PRO A 125 14.98 -2.06 13.66
CA PRO A 125 15.03 -3.44 14.15
C PRO A 125 14.09 -4.24 13.29
N VAL A 126 14.41 -5.52 13.07
CA VAL A 126 13.55 -6.40 12.30
C VAL A 126 12.23 -6.57 13.04
N ARG A 127 11.11 -6.51 12.30
CA ARG A 127 9.78 -6.69 12.91
C ARG A 127 9.16 -8.07 12.65
N LYS A 128 8.37 -8.57 13.58
CA LYS A 128 7.85 -9.93 13.50
C LYS A 128 6.49 -10.12 12.82
N PRO A 129 5.50 -9.26 13.15
CA PRO A 129 4.18 -9.36 12.54
C PRO A 129 4.25 -9.32 11.01
N GLY A 130 3.61 -10.29 10.38
CA GLY A 130 3.40 -10.28 8.94
C GLY A 130 4.53 -10.85 8.12
N MET A 131 5.65 -11.17 8.76
CA MET A 131 6.83 -11.58 8.02
C MET A 131 6.59 -12.89 7.30
N THR A 132 6.95 -12.94 6.02
CA THR A 132 6.79 -14.16 5.23
C THR A 132 7.86 -15.15 5.66
N PRO A 133 7.54 -16.45 5.60
CA PRO A 133 8.36 -17.55 6.13
C PRO A 133 9.81 -17.52 5.68
N PHE A 134 10.07 -17.16 4.43
CA PHE A 134 11.41 -17.18 3.87
C PHE A 134 11.95 -15.80 3.55
N LEU A 135 13.26 -15.65 3.69
CA LEU A 135 13.97 -14.52 3.12
C LEU A 135 14.31 -14.90 1.68
N THR A 136 14.79 -13.94 0.90
CA THR A 136 15.23 -14.24 -0.45
C THR A 136 16.67 -13.77 -0.68
N ARG A 137 17.53 -14.69 -1.06
CA ARG A 137 18.93 -14.37 -1.36
C ARG A 137 19.07 -14.11 -2.86
N ILE A 138 19.56 -12.93 -3.23
CA ILE A 138 19.73 -12.60 -4.63
C ILE A 138 21.16 -12.96 -5.05
N ILE A 139 22.10 -12.58 -4.20
CA ILE A 139 23.53 -12.79 -4.44
C ILE A 139 24.12 -13.86 -3.52
N GLU A 140 24.53 -14.97 -4.14
CA GLU A 140 24.91 -16.21 -3.45
C GLU A 140 26.31 -16.25 -2.83
N TYR A 141 26.88 -15.10 -2.47
CA TYR A 141 28.17 -15.15 -1.78
C TYR A 141 28.22 -16.40 -0.90
N GLY B 4 -31.29 4.80 -12.98
CA GLY B 4 -31.59 5.47 -11.72
C GLY B 4 -32.69 4.88 -10.84
N SER B 5 -32.43 4.82 -9.54
CA SER B 5 -33.43 4.42 -8.56
C SER B 5 -34.01 5.61 -7.83
N VAL B 6 -35.32 5.55 -7.56
CA VAL B 6 -36.02 6.58 -6.79
C VAL B 6 -35.58 6.55 -5.32
N TYR B 7 -34.84 5.51 -4.95
CA TYR B 7 -34.36 5.37 -3.58
C TYR B 7 -32.83 5.40 -3.48
N GLY B 8 -32.16 5.71 -4.58
CA GLY B 8 -30.71 5.67 -4.62
C GLY B 8 -30.02 6.59 -3.65
N ARG B 9 -30.54 7.81 -3.54
CA ARG B 9 -29.95 8.82 -2.67
C ARG B 9 -30.08 8.40 -1.22
N GLN B 10 -31.22 7.81 -0.89
CA GLN B 10 -31.45 7.29 0.45
C GLN B 10 -30.54 6.09 0.73
N ALA B 11 -30.31 5.27 -0.27
CA ALA B 11 -29.45 4.10 -0.10
C ALA B 11 -28.03 4.58 0.15
N ILE B 12 -27.64 5.64 -0.57
CA ILE B 12 -26.34 6.25 -0.36
C ILE B 12 -26.20 6.86 1.04
N GLU B 13 -27.21 7.55 1.52
CA GLU B 13 -27.19 8.05 2.89
C GLU B 13 -27.02 6.93 3.90
N TYR B 14 -27.63 5.79 3.62
CA TYR B 14 -27.57 4.67 4.55
C TYR B 14 -26.17 4.06 4.57
N VAL B 15 -25.56 3.96 3.38
CA VAL B 15 -24.18 3.52 3.24
C VAL B 15 -23.23 4.42 4.01
N ILE B 16 -23.26 5.71 3.69
CA ILE B 16 -22.40 6.69 4.34
C ILE B 16 -22.51 6.65 5.87
N LYS B 17 -23.72 6.48 6.35
CA LYS B 17 -24.00 6.29 7.76
C LYS B 17 -23.44 4.98 8.32
N ARG B 18 -23.60 3.91 7.55
CA ARG B 18 -23.07 2.61 7.91
C ARG B 18 -21.55 2.64 8.04
N MET B 19 -20.88 3.25 7.07
CA MET B 19 -19.44 3.38 7.16
C MET B 19 -19.04 4.26 8.34
N GLY B 20 -19.77 5.35 8.51
CA GLY B 20 -19.54 6.23 9.65
C GLY B 20 -19.58 5.54 11.00
N SER B 21 -20.27 4.40 11.10
CA SER B 21 -20.37 3.71 12.39
C SER B 21 -19.08 2.93 12.70
N GLN B 22 -18.17 2.87 11.75
CA GLN B 22 -16.85 2.31 11.99
C GLN B 22 -15.81 3.42 12.20
N MET B 23 -16.29 4.61 12.50
CA MET B 23 -15.39 5.75 12.64
C MET B 23 -14.36 5.53 13.75
N GLY B 24 -13.08 5.66 13.41
CA GLY B 24 -12.02 5.42 14.37
C GLY B 24 -11.56 3.98 14.44
N VAL B 25 -12.23 3.07 13.74
CA VAL B 25 -11.73 1.71 13.61
C VAL B 25 -10.34 1.77 12.96
N PRO B 26 -9.37 1.04 13.52
CA PRO B 26 -8.01 1.09 12.96
C PRO B 26 -7.91 0.59 11.50
N TYR B 27 -7.08 1.22 10.69
CA TYR B 27 -6.77 0.72 9.35
C TYR B 27 -5.95 -0.56 9.43
N SER B 28 -6.29 -1.54 8.61
CA SER B 28 -5.60 -2.82 8.62
C SER B 28 -5.39 -3.31 7.19
N TRP B 29 -4.14 -3.42 6.77
CA TRP B 29 -3.85 -3.88 5.42
C TRP B 29 -4.54 -5.22 5.17
N GLY B 30 -5.40 -5.27 4.17
CA GLY B 30 -6.17 -6.46 3.88
C GLY B 30 -7.28 -6.78 4.87
N GLY B 31 -7.66 -5.81 5.72
CA GLY B 31 -8.69 -6.04 6.71
C GLY B 31 -10.10 -5.73 6.24
N GLY B 32 -11.09 -6.42 6.79
CA GLY B 32 -12.47 -6.11 6.51
C GLY B 32 -13.26 -7.27 5.92
N SER B 33 -14.48 -7.46 6.41
CA SER B 33 -15.47 -8.36 5.80
C SER B 33 -16.73 -7.57 5.46
N LEU B 34 -17.73 -8.25 4.91
CA LEU B 34 -19.01 -7.62 4.61
C LEU B 34 -19.76 -7.29 5.90
N ASP B 35 -19.38 -7.94 6.99
CA ASP B 35 -20.08 -7.78 8.28
C ASP B 35 -19.48 -6.71 9.18
N GLY B 36 -18.20 -6.40 8.98
CA GLY B 36 -17.50 -5.52 9.89
C GLY B 36 -16.00 -5.71 9.79
N PRO B 37 -15.26 -5.04 10.69
CA PRO B 37 -13.80 -5.07 10.67
C PRO B 37 -13.34 -6.50 10.79
N SER B 38 -12.14 -6.82 10.32
CA SER B 38 -11.58 -8.11 10.59
C SER B 38 -10.09 -7.94 10.52
N LYS B 39 -9.36 -8.94 10.99
CA LYS B 39 -7.92 -8.87 10.92
C LYS B 39 -7.42 -8.86 9.50
N GLY B 40 -6.29 -8.21 9.28
CA GLY B 40 -5.72 -8.11 7.95
C GLY B 40 -4.61 -9.13 7.77
N VAL B 41 -3.66 -8.80 6.90
CA VAL B 41 -2.52 -9.66 6.67
C VAL B 41 -1.31 -8.76 6.63
N GLY B 42 -0.12 -9.34 6.54
CA GLY B 42 1.08 -8.57 6.75
C GLY B 42 1.02 -8.02 8.16
N ASP B 43 1.41 -6.76 8.34
CA ASP B 43 1.30 -6.14 9.66
C ASP B 43 -0.17 -5.96 10.09
N GLY B 44 -1.07 -6.09 9.11
CA GLY B 44 -2.49 -6.07 9.39
C GLY B 44 -2.94 -7.23 10.24
N ALA B 45 -2.06 -8.21 10.43
CA ALA B 45 -2.41 -9.45 11.14
C ALA B 45 -2.83 -9.19 12.58
N ASN B 46 -2.32 -8.11 13.14
CA ASN B 46 -2.60 -7.79 14.53
C ASN B 46 -3.69 -6.75 14.70
N ILE B 47 -4.25 -6.29 13.58
CA ILE B 47 -5.28 -5.26 13.63
C ILE B 47 -6.60 -5.71 13.05
N THR B 48 -7.63 -5.72 13.89
CA THR B 48 -9.00 -5.88 13.45
C THR B 48 -9.53 -4.55 12.91
N GLY B 49 -9.62 -4.42 11.60
CA GLY B 49 -10.02 -3.15 11.01
C GLY B 49 -10.38 -3.23 9.55
N PHE B 50 -10.09 -2.15 8.82
CA PHE B 50 -10.42 -2.08 7.40
C PHE B 50 -9.24 -1.54 6.62
N ASP B 51 -9.05 -2.01 5.39
CA ASP B 51 -8.30 -1.20 4.44
C ASP B 51 -9.32 -0.42 3.59
N CYS B 52 -8.82 0.43 2.72
CA CYS B 52 -9.69 1.35 2.01
C CYS B 52 -10.83 0.65 1.27
N SER B 53 -10.47 -0.36 0.49
CA SER B 53 -11.46 -1.08 -0.31
C SER B 53 -12.31 -2.00 0.57
N GLY B 54 -11.76 -2.46 1.69
CA GLY B 54 -12.54 -3.18 2.69
C GLY B 54 -13.70 -2.33 3.21
N LEU B 55 -13.40 -1.11 3.61
CA LEU B 55 -14.42 -0.20 4.12
C LEU B 55 -15.55 0.02 3.11
N MET B 56 -15.18 0.52 1.92
CA MET B 56 -16.14 0.78 0.84
C MET B 56 -17.07 -0.40 0.62
N ARG B 57 -16.48 -1.59 0.60
CA ARG B 57 -17.22 -2.81 0.29
C ARG B 57 -18.21 -3.14 1.41
N TYR B 58 -17.77 -2.95 2.65
CA TYR B 58 -18.58 -3.22 3.83
C TYR B 58 -19.82 -2.33 3.85
N GLY B 59 -19.65 -1.10 3.39
CA GLY B 59 -20.73 -0.12 3.46
C GLY B 59 -21.83 -0.45 2.49
N PHE B 60 -21.43 -0.66 1.23
CA PHE B 60 -22.36 -0.96 0.15
C PHE B 60 -23.11 -2.27 0.37
N ALA B 61 -22.50 -3.21 1.09
CA ALA B 61 -23.17 -4.46 1.40
C ALA B 61 -24.39 -4.23 2.30
N GLY B 62 -24.36 -3.15 3.07
CA GLY B 62 -25.50 -2.75 3.86
C GLY B 62 -26.77 -2.46 3.08
N VAL B 63 -26.63 -2.07 1.81
CA VAL B 63 -27.80 -1.93 0.94
C VAL B 63 -27.89 -3.03 -0.13
N GLY B 64 -27.25 -4.16 0.13
CA GLY B 64 -27.35 -5.32 -0.74
C GLY B 64 -26.47 -5.28 -1.98
N VAL B 65 -25.64 -4.26 -2.07
CA VAL B 65 -24.75 -4.15 -3.23
C VAL B 65 -23.39 -4.71 -2.86
N LEU B 66 -22.92 -5.67 -3.67
CA LEU B 66 -21.59 -6.25 -3.54
C LEU B 66 -20.69 -5.65 -4.61
N ILE B 67 -19.59 -5.04 -4.20
CA ILE B 67 -18.62 -4.52 -5.15
C ILE B 67 -17.34 -5.31 -4.93
N PRO B 68 -16.38 -5.24 -5.87
CA PRO B 68 -15.15 -6.05 -5.76
C PRO B 68 -14.34 -5.80 -4.49
N ARG B 69 -13.32 -6.65 -4.27
CA ARG B 69 -12.49 -6.61 -3.08
C ARG B 69 -11.38 -5.57 -3.17
N PHE B 70 -10.92 -5.30 -4.39
CA PHE B 70 -9.76 -4.46 -4.60
C PHE B 70 -10.13 -3.12 -5.22
N SER B 71 -9.48 -2.07 -4.73
CA SER B 71 -9.77 -0.71 -5.17
C SER B 71 -9.74 -0.55 -6.70
N GLY B 72 -8.68 -1.03 -7.33
CA GLY B 72 -8.58 -1.00 -8.78
C GLY B 72 -9.75 -1.67 -9.48
N ASP B 73 -10.34 -2.68 -8.85
CA ASP B 73 -11.52 -3.34 -9.39
C ASP B 73 -12.82 -2.55 -9.12
N GLN B 74 -12.87 -1.88 -7.97
CA GLN B 74 -14.07 -1.12 -7.62
C GLN B 74 -14.06 0.10 -8.49
N TYR B 75 -12.88 0.43 -9.00
CA TYR B 75 -12.75 1.54 -9.92
C TYR B 75 -13.63 1.33 -11.14
N ASN B 76 -13.79 0.07 -11.53
CA ASN B 76 -14.50 -0.25 -12.76
C ASN B 76 -15.89 -0.84 -12.57
N ALA B 77 -16.40 -0.79 -11.34
CA ALA B 77 -17.69 -1.41 -11.05
C ALA B 77 -18.89 -0.45 -11.13
N GLY B 78 -18.67 0.74 -11.69
CA GLY B 78 -19.76 1.66 -11.95
C GLY B 78 -19.44 2.61 -13.07
N ARG B 79 -20.22 3.68 -13.17
CA ARG B 79 -20.01 4.67 -14.21
C ARG B 79 -18.87 5.61 -13.81
N HIS B 80 -17.95 5.84 -14.72
CA HIS B 80 -16.93 6.84 -14.46
C HIS B 80 -17.53 8.24 -14.53
N ILE B 81 -17.27 9.00 -13.47
CA ILE B 81 -17.80 10.33 -13.30
C ILE B 81 -16.64 11.33 -13.37
N PRO B 82 -16.72 12.29 -14.29
CA PRO B 82 -15.78 13.41 -14.40
C PRO B 82 -15.69 14.18 -13.09
N GLN B 83 -14.47 14.48 -12.67
CA GLN B 83 -14.23 15.26 -11.46
C GLN B 83 -15.28 16.35 -11.21
N ASP B 84 -15.63 17.12 -12.24
CA ASP B 84 -16.59 18.22 -12.07
C ASP B 84 -18.07 17.80 -11.92
N GLN B 85 -18.35 16.51 -12.01
CA GLN B 85 -19.69 16.03 -11.66
C GLN B 85 -19.65 15.24 -10.36
N ALA B 86 -18.49 15.29 -9.71
CA ALA B 86 -18.33 14.65 -8.42
C ALA B 86 -19.53 14.96 -7.52
N ARG B 87 -20.04 13.94 -6.88
CA ARG B 87 -21.28 14.02 -6.13
C ARG B 87 -21.14 13.10 -4.95
N ARG B 88 -21.61 13.55 -3.80
CA ARG B 88 -21.65 12.75 -2.58
C ARG B 88 -22.13 11.35 -2.89
N GLY B 89 -21.35 10.34 -2.47
CA GLY B 89 -21.69 8.96 -2.74
C GLY B 89 -20.75 8.31 -3.72
N ASP B 90 -20.22 9.10 -4.65
CA ASP B 90 -19.19 8.64 -5.57
C ASP B 90 -17.91 8.22 -4.88
N LEU B 91 -17.23 7.24 -5.45
CA LEU B 91 -15.96 6.79 -4.93
C LEU B 91 -14.81 7.58 -5.56
N ILE B 92 -13.88 8.04 -4.73
CA ILE B 92 -12.71 8.74 -5.19
C ILE B 92 -11.51 7.83 -5.20
N PHE B 93 -10.74 7.88 -6.27
CA PHE B 93 -9.60 6.98 -6.39
C PHE B 93 -8.26 7.67 -6.46
N TYR B 94 -7.24 6.94 -6.01
CA TYR B 94 -5.85 7.40 -6.09
C TYR B 94 -5.02 6.30 -6.68
N GLY B 95 -4.02 6.67 -7.48
CA GLY B 95 -3.17 5.69 -8.14
C GLY B 95 -3.70 5.30 -9.50
N PRO B 96 -2.82 4.82 -10.38
CA PRO B 96 -3.23 4.42 -11.73
C PRO B 96 -4.29 3.34 -11.70
N GLY B 97 -5.44 3.61 -12.31
CA GLY B 97 -6.55 2.67 -12.31
C GLY B 97 -7.11 2.49 -10.91
N GLY B 98 -6.88 3.48 -10.05
CA GLY B 98 -7.31 3.44 -8.66
C GLY B 98 -6.68 2.34 -7.82
N SER B 99 -5.43 2.01 -8.11
CA SER B 99 -4.75 0.91 -7.43
C SER B 99 -4.16 1.25 -6.05
N GLN B 100 -4.18 2.52 -5.65
CA GLN B 100 -3.55 2.86 -4.36
C GLN B 100 -4.53 3.04 -3.22
N HIS B 101 -5.52 3.91 -3.41
CA HIS B 101 -6.57 4.13 -2.41
C HIS B 101 -7.88 4.31 -3.11
N VAL B 102 -8.96 4.09 -2.38
CA VAL B 102 -10.31 4.44 -2.78
C VAL B 102 -10.93 5.06 -1.54
N THR B 103 -11.75 6.10 -1.72
CA THR B 103 -12.46 6.73 -0.62
C THR B 103 -13.89 7.08 -1.03
N MET B 104 -14.71 7.40 -0.04
CA MET B 104 -16.08 7.80 -0.28
C MET B 104 -16.23 9.33 -0.28
N TYR B 105 -16.60 9.92 -1.41
CA TYR B 105 -16.84 11.37 -1.50
C TYR B 105 -18.12 11.77 -0.76
N LEU B 106 -17.99 12.71 0.17
CA LEU B 106 -19.11 13.07 1.02
C LEU B 106 -19.75 14.37 0.55
N GLY B 107 -19.24 14.94 -0.53
CA GLY B 107 -19.67 16.24 -0.96
C GLY B 107 -19.04 17.31 -0.07
N ASN B 108 -19.00 18.55 -0.56
CA ASN B 108 -18.44 19.66 0.19
C ASN B 108 -16.97 19.46 0.56
N GLY B 109 -16.19 18.96 -0.39
CA GLY B 109 -14.76 18.79 -0.22
C GLY B 109 -14.32 17.73 0.78
N GLN B 110 -15.26 16.92 1.24
CA GLN B 110 -14.96 15.91 2.25
C GLN B 110 -14.99 14.52 1.66
N MET B 111 -14.42 13.59 2.41
CA MET B 111 -14.01 12.31 1.89
C MET B 111 -14.00 11.39 3.10
N LEU B 112 -14.53 10.18 2.96
CA LEU B 112 -14.51 9.23 4.06
C LEU B 112 -13.57 8.09 3.72
N GLU B 113 -12.59 7.82 4.59
CA GLU B 113 -11.55 6.86 4.25
C GLU B 113 -11.07 5.99 5.40
N ALA B 114 -10.52 4.83 5.08
CA ALA B 114 -9.96 3.94 6.08
C ALA B 114 -8.55 4.35 6.49
N SER B 115 -7.81 4.97 5.59
CA SER B 115 -6.47 5.49 5.93
C SER B 115 -6.08 6.76 5.20
N GLY B 116 -6.38 7.92 5.77
CA GLY B 116 -7.10 7.97 7.03
C GLY B 116 -6.12 7.93 8.17
N SER B 117 -4.94 8.50 7.94
CA SER B 117 -3.84 8.52 8.91
C SER B 117 -4.28 8.76 10.36
N ALA B 118 -3.77 7.95 11.27
CA ALA B 118 -2.73 7.00 10.94
C ALA B 118 -2.70 5.88 11.94
N GLY B 119 -3.58 4.91 11.71
CA GLY B 119 -4.49 4.98 10.60
C GLY B 119 -5.80 4.42 11.08
N LYS B 120 -6.85 5.20 10.95
CA LYS B 120 -8.16 4.81 11.38
C LYS B 120 -9.20 5.45 10.47
N VAL B 121 -10.32 4.77 10.27
CA VAL B 121 -11.41 5.34 9.50
C VAL B 121 -11.65 6.76 10.02
N THR B 122 -11.69 7.73 9.10
CA THR B 122 -11.99 9.10 9.45
C THR B 122 -12.53 9.83 8.25
N VAL B 123 -12.79 11.12 8.44
CA VAL B 123 -13.24 12.01 7.38
C VAL B 123 -12.10 12.98 7.13
N SER B 124 -11.82 13.25 5.85
CA SER B 124 -10.69 14.08 5.44
C SER B 124 -11.05 15.02 4.31
N PRO B 125 -10.32 16.14 4.20
CA PRO B 125 -10.50 16.97 3.02
C PRO B 125 -9.99 16.19 1.83
N VAL B 126 -10.67 16.30 0.69
CA VAL B 126 -10.31 15.57 -0.50
C VAL B 126 -8.91 15.98 -0.98
N ARG B 127 -8.05 15.00 -1.26
CA ARG B 127 -6.69 15.29 -1.67
C ARG B 127 -6.49 15.26 -3.19
N LYS B 128 -5.54 16.06 -3.68
CA LYS B 128 -5.35 16.21 -5.14
C LYS B 128 -4.27 15.33 -5.79
N PRO B 129 -3.07 15.25 -5.18
CA PRO B 129 -2.02 14.47 -5.84
C PRO B 129 -2.38 13.00 -6.03
N GLY B 130 -2.26 12.53 -7.26
CA GLY B 130 -2.42 11.11 -7.54
C GLY B 130 -3.84 10.65 -7.75
N MET B 131 -4.79 11.58 -7.70
CA MET B 131 -6.18 11.22 -7.92
C MET B 131 -6.38 10.74 -9.35
N THR B 132 -7.22 9.73 -9.54
CA THR B 132 -7.58 9.27 -10.87
C THR B 132 -8.39 10.36 -11.53
N PRO B 133 -8.36 10.43 -12.86
CA PRO B 133 -9.18 11.36 -13.64
C PRO B 133 -10.67 11.21 -13.34
N PHE B 134 -11.11 9.98 -13.09
CA PHE B 134 -12.53 9.72 -12.87
C PHE B 134 -12.89 9.30 -11.47
N LEU B 135 -14.14 9.60 -11.09
CA LEU B 135 -14.76 9.02 -9.91
C LEU B 135 -15.63 7.85 -10.38
N THR B 136 -16.08 6.99 -9.47
CA THR B 136 -16.92 5.87 -9.87
C THR B 136 -18.24 5.91 -9.13
N ARG B 137 -19.34 5.83 -9.86
CA ARG B 137 -20.66 5.86 -9.26
C ARG B 137 -21.27 4.46 -9.17
N ILE B 138 -21.45 3.97 -7.97
CA ILE B 138 -21.95 2.62 -7.77
C ILE B 138 -23.49 2.62 -7.83
N ILE B 139 -24.09 3.71 -7.39
CA ILE B 139 -25.55 3.80 -7.30
C ILE B 139 -26.08 5.03 -8.04
N GLU B 140 -26.96 4.81 -9.00
CA GLU B 140 -27.27 5.84 -10.01
C GLU B 140 -28.03 7.06 -9.53
N TYR B 141 -29.18 6.85 -8.90
CA TYR B 141 -29.95 7.96 -8.31
C TYR B 141 -29.49 9.34 -8.79
C1 IPA C . -19.58 -7.91 -6.79
C2 IPA C . -18.08 -8.12 -6.68
C3 IPA C . -17.75 -9.35 -5.83
O2 IPA C . -17.55 -8.25 -7.98
#